data_9L1K
#
_entry.id   9L1K
#
_cell.length_a   52.393
_cell.length_b   113.251
_cell.length_c   113.938
_cell.angle_alpha   90.000
_cell.angle_beta   90.000
_cell.angle_gamma   90.000
#
_symmetry.space_group_name_H-M   'P 21 21 21'
#
loop_
_entity.id
_entity.type
_entity.pdbx_description
1 polymer 'sdAbA YERLS mutant'
2 non-polymer 'SULFATE ION'
3 non-polymer 'SODIUM ION'
4 non-polymer GLYCEROL
5 water water
#
_entity_poly.entity_id   1
_entity_poly.type   'polypeptide(L)'
_entity_poly.pdbx_seq_one_letter_code
;EVQLVESGGGSVQPGGSLKLSCKTSGFTFSSYWMYWYRQAPGKERELVSGINTGGGSTYYADSVKGRFTISRDNAKNTLY
LQMNSLKPEDTAVYYCARRDRGGMDYWGKGTQVTVSSAAGHHHHHH
;
_entity_poly.pdbx_strand_id   A,B,C,D
#
# COMPACT_ATOMS: atom_id res chain seq x y z
N GLU A 1 -18.90 0.86 22.00
CA GLU A 1 -18.13 0.70 20.74
C GLU A 1 -16.80 1.46 20.89
N VAL A 2 -15.76 0.98 20.19
CA VAL A 2 -14.50 1.70 20.12
C VAL A 2 -14.73 3.05 19.44
N GLN A 3 -14.23 4.10 20.09
CA GLN A 3 -14.27 5.45 19.54
C GLN A 3 -12.88 6.07 19.55
N LEU A 4 -12.50 6.60 18.39
CA LEU A 4 -11.32 7.41 18.18
C LEU A 4 -11.79 8.70 17.52
N VAL A 5 -11.50 9.85 18.14
CA VAL A 5 -11.98 11.12 17.63
C VAL A 5 -10.84 12.14 17.59
N GLU A 6 -10.44 12.50 16.37
CA GLU A 6 -9.43 13.50 16.16
C GLU A 6 -10.06 14.90 16.26
N SER A 7 -9.29 15.80 16.85
CA SER A 7 -9.61 17.22 16.87
C SER A 7 -8.32 18.04 16.83
N GLY A 8 -8.46 19.35 16.63
CA GLY A 8 -7.32 20.24 16.75
C GLY A 8 -6.84 20.73 15.38
N GLY A 9 -7.46 20.19 14.32
CA GLY A 9 -7.10 20.57 12.97
C GLY A 9 -7.59 21.98 12.64
N GLY A 10 -7.18 22.45 11.48
CA GLY A 10 -7.53 23.79 11.07
C GLY A 10 -6.48 24.32 10.10
N SER A 11 -6.57 25.62 9.82
CA SER A 11 -5.63 26.31 8.97
C SER A 11 -4.55 26.96 9.81
N VAL A 12 -3.29 26.86 9.34
CA VAL A 12 -2.15 27.42 10.05
C VAL A 12 -1.15 27.91 9.01
N GLN A 13 -0.39 28.94 9.40
CA GLN A 13 0.63 29.50 8.53
C GLN A 13 1.79 28.53 8.36
N PRO A 14 2.45 28.55 7.20
CA PRO A 14 3.76 27.91 7.06
C PRO A 14 4.68 28.40 8.16
N GLY A 15 5.40 27.44 8.74
CA GLY A 15 6.31 27.69 9.85
C GLY A 15 5.61 27.59 11.20
N GLY A 16 4.28 27.47 11.21
CA GLY A 16 3.52 27.49 12.45
C GLY A 16 3.42 26.12 13.10
N SER A 17 2.59 26.06 14.15
N SER A 17 2.61 26.04 14.16
CA SER A 17 2.42 24.89 14.99
CA SER A 17 2.47 24.82 14.92
C SER A 17 0.94 24.58 15.18
C SER A 17 1.01 24.58 15.25
N LEU A 18 0.64 23.29 15.38
N LEU A 18 0.69 23.32 15.52
CA LEU A 18 -0.69 22.82 15.74
CA LEU A 18 -0.66 22.89 15.81
C LEU A 18 -0.50 21.62 16.67
C LEU A 18 -0.56 21.60 16.60
N LYS A 19 -1.46 21.38 17.57
CA LYS A 19 -1.47 20.14 18.34
C LYS A 19 -2.79 19.41 18.10
N LEU A 20 -2.69 18.19 17.55
CA LEU A 20 -3.87 17.36 17.36
C LEU A 20 -4.10 16.47 18.58
N SER A 21 -5.37 16.22 18.86
CA SER A 21 -5.79 15.30 19.91
C SER A 21 -6.60 14.18 19.27
N CYS A 22 -6.43 12.98 19.83
CA CYS A 22 -7.25 11.84 19.50
C CYS A 22 -7.82 11.30 20.81
N LYS A 23 -9.07 11.70 21.12
CA LYS A 23 -9.74 11.28 22.34
C LYS A 23 -10.40 9.94 22.08
N THR A 24 -10.24 9.01 23.02
CA THR A 24 -10.72 7.65 22.80
C THR A 24 -11.73 7.29 23.89
N SER A 25 -12.55 6.30 23.55
CA SER A 25 -13.41 5.66 24.53
C SER A 25 -13.73 4.24 24.07
N GLY A 26 -14.22 3.43 25.01
CA GLY A 26 -14.76 2.13 24.67
C GLY A 26 -13.73 1.00 24.62
N PHE A 27 -12.50 1.26 25.06
CA PHE A 27 -11.50 0.21 25.15
C PHE A 27 -10.40 0.64 26.12
N THR A 28 -9.57 -0.32 26.49
CA THR A 28 -8.44 -0.05 27.38
C THR A 28 -7.28 0.49 26.55
N PHE A 29 -7.36 1.81 26.31
CA PHE A 29 -6.37 2.55 25.54
C PHE A 29 -4.93 2.26 25.96
N SER A 30 -4.67 2.25 27.28
CA SER A 30 -3.32 2.08 27.78
C SER A 30 -2.70 0.73 27.43
N SER A 31 -3.48 -0.23 26.91
CA SER A 31 -2.99 -1.54 26.50
C SER A 31 -2.49 -1.60 25.05
N TYR A 32 -2.71 -0.52 24.30
CA TYR A 32 -2.47 -0.52 22.86
C TYR A 32 -1.41 0.49 22.46
N TRP A 33 -0.57 0.06 21.50
CA TRP A 33 0.18 1.02 20.70
C TRP A 33 -0.80 1.80 19.84
N MET A 34 -0.45 3.05 19.53
CA MET A 34 -1.31 3.93 18.77
C MET A 34 -0.51 4.63 17.69
N TYR A 35 -1.21 5.08 16.63
CA TYR A 35 -0.56 5.61 15.44
C TYR A 35 -1.28 6.87 14.95
N TRP A 36 -0.50 7.75 14.32
CA TRP A 36 -1.00 8.81 13.46
C TRP A 36 -0.63 8.52 12.02
N TYR A 37 -1.64 8.66 11.14
CA TYR A 37 -1.50 8.60 9.70
C TYR A 37 -1.98 9.90 9.09
N ARG A 38 -1.65 10.13 7.82
CA ARG A 38 -2.18 11.26 7.09
C ARG A 38 -2.42 10.89 5.63
N GLN A 39 -3.38 11.61 5.03
CA GLN A 39 -3.76 11.47 3.63
C GLN A 39 -3.69 12.85 2.98
N ALA A 40 -2.65 13.07 2.18
CA ALA A 40 -2.44 14.32 1.48
C ALA A 40 -2.94 14.24 0.04
N PRO A 41 -3.18 15.39 -0.64
CA PRO A 41 -3.68 15.38 -2.01
C PRO A 41 -2.77 14.63 -2.97
N GLY A 42 -3.36 13.71 -3.74
CA GLY A 42 -2.67 13.04 -4.82
C GLY A 42 -1.64 12.01 -4.36
N LYS A 43 -1.69 11.63 -3.08
CA LYS A 43 -0.67 10.74 -2.54
C LYS A 43 -1.31 9.55 -1.86
N GLU A 44 -0.50 8.52 -1.64
CA GLU A 44 -0.89 7.41 -0.80
C GLU A 44 -0.86 7.86 0.66
N ARG A 45 -1.67 7.16 1.47
CA ARG A 45 -1.67 7.35 2.91
C ARG A 45 -0.26 7.11 3.44
N GLU A 46 0.11 7.87 4.48
CA GLU A 46 1.45 7.85 5.04
C GLU A 46 1.36 7.66 6.55
N LEU A 47 2.14 6.72 7.08
CA LEU A 47 2.30 6.58 8.53
C LEU A 47 3.18 7.73 9.00
N VAL A 48 2.67 8.50 9.97
CA VAL A 48 3.37 9.67 10.50
C VAL A 48 4.18 9.28 11.72
N SER A 49 3.57 8.58 12.67
CA SER A 49 4.23 8.26 13.94
C SER A 49 3.51 7.14 14.67
N GLY A 50 4.27 6.44 15.53
CA GLY A 50 3.71 5.44 16.42
C GLY A 50 4.24 5.62 17.84
N ILE A 51 3.49 5.09 18.80
CA ILE A 51 3.84 5.21 20.20
C ILE A 51 3.44 3.93 20.92
N ASN A 52 4.30 3.52 21.86
CA ASN A 52 4.09 2.31 22.65
C ASN A 52 3.21 2.61 23.87
N THR A 53 2.91 1.61 24.68
CA THR A 53 1.92 1.78 25.74
C THR A 53 2.40 2.75 26.80
N GLY A 54 3.69 2.69 27.11
CA GLY A 54 4.27 3.53 28.16
C GLY A 54 4.62 4.95 27.70
N GLY A 55 4.37 5.24 26.43
CA GLY A 55 4.40 6.62 25.95
C GLY A 55 5.71 6.98 25.27
N GLY A 56 6.54 5.99 24.95
CA GLY A 56 7.72 6.23 24.12
C GLY A 56 7.41 6.10 22.62
N SER A 57 7.90 7.06 21.84
CA SER A 57 7.73 7.01 20.40
C SER A 57 8.41 5.75 19.87
N THR A 58 7.77 5.10 18.90
CA THR A 58 8.32 3.92 18.26
C THR A 58 8.85 4.31 16.89
N TYR A 59 8.30 5.40 16.34
CA TYR A 59 8.56 5.71 14.95
C TYR A 59 8.12 7.13 14.61
N TYR A 60 8.94 7.78 13.79
CA TYR A 60 8.55 8.96 13.04
C TYR A 60 8.92 8.80 11.58
N ALA A 61 8.01 9.20 10.70
CA ALA A 61 8.33 9.27 9.28
C ALA A 61 9.52 10.23 9.07
N ASP A 62 10.38 9.91 8.11
CA ASP A 62 11.47 10.80 7.79
C ASP A 62 10.99 12.23 7.53
N SER A 63 9.80 12.36 6.91
CA SER A 63 9.22 13.64 6.53
C SER A 63 8.89 14.53 7.71
N VAL A 64 8.80 13.97 8.93
CA VAL A 64 8.37 14.76 10.08
C VAL A 64 9.40 14.76 11.22
N LYS A 65 10.49 13.99 11.08
N LYS A 65 10.49 14.00 11.07
CA LYS A 65 11.50 13.92 12.11
CA LYS A 65 11.51 13.92 12.10
C LYS A 65 12.05 15.30 12.44
C LYS A 65 12.05 15.30 12.44
N GLY A 66 12.18 15.58 13.74
CA GLY A 66 12.68 16.84 14.24
C GLY A 66 11.63 17.95 14.26
N ARG A 67 10.40 17.66 13.83
CA ARG A 67 9.36 18.66 13.79
C ARG A 67 8.10 18.23 14.57
N PHE A 68 7.78 16.94 14.58
CA PHE A 68 6.56 16.48 15.23
C PHE A 68 6.90 15.62 16.44
N THR A 69 6.00 15.63 17.43
CA THR A 69 6.14 14.84 18.65
C THR A 69 4.82 14.13 18.91
N ILE A 70 4.90 12.81 19.04
CA ILE A 70 3.76 12.01 19.45
C ILE A 70 3.81 11.86 20.96
N SER A 71 2.65 11.87 21.61
CA SER A 71 2.58 11.62 23.05
C SER A 71 1.21 11.04 23.39
N ARG A 72 1.09 10.55 24.61
CA ARG A 72 -0.20 10.07 25.07
C ARG A 72 -0.38 10.38 26.54
N ASP A 73 -1.65 10.44 26.95
CA ASP A 73 -2.01 10.59 28.34
C ASP A 73 -2.97 9.46 28.69
N ASN A 74 -2.45 8.46 29.40
CA ASN A 74 -3.20 7.26 29.69
C ASN A 74 -4.28 7.51 30.74
N ALA A 75 -4.16 8.59 31.50
CA ALA A 75 -5.21 8.95 32.43
C ALA A 75 -6.44 9.50 31.71
N LYS A 76 -6.22 10.23 30.62
CA LYS A 76 -7.30 10.83 29.84
C LYS A 76 -7.62 9.98 28.62
N ASN A 77 -6.86 8.90 28.40
CA ASN A 77 -7.05 8.01 27.27
C ASN A 77 -7.02 8.79 25.96
N THR A 78 -6.03 9.68 25.85
CA THR A 78 -5.91 10.58 24.71
C THR A 78 -4.50 10.48 24.13
N LEU A 79 -4.47 10.49 22.79
CA LEU A 79 -3.25 10.51 21.98
C LEU A 79 -3.10 11.90 21.39
N TYR A 80 -1.85 12.38 21.26
CA TYR A 80 -1.58 13.71 20.72
C TYR A 80 -0.51 13.67 19.65
N LEU A 81 -0.57 14.66 18.76
CA LEU A 81 0.49 14.94 17.80
C LEU A 81 0.76 16.44 17.80
N GLN A 82 1.92 16.81 18.34
CA GLN A 82 2.39 18.19 18.30
C GLN A 82 3.16 18.39 17.00
N MET A 83 2.70 19.33 16.17
CA MET A 83 3.31 19.59 14.87
C MET A 83 3.93 20.97 14.88
N ASN A 84 5.19 21.09 14.44
CA ASN A 84 5.91 22.36 14.44
C ASN A 84 6.57 22.58 13.08
N SER A 85 6.95 23.84 12.81
CA SER A 85 7.61 24.19 11.55
C SER A 85 6.83 23.62 10.36
N LEU A 86 5.52 23.87 10.34
CA LEU A 86 4.66 23.26 9.33
C LEU A 86 4.99 23.75 7.92
N LYS A 87 4.80 22.84 6.97
CA LYS A 87 5.08 23.10 5.58
C LYS A 87 3.81 22.91 4.76
N PRO A 88 3.71 23.56 3.59
CA PRO A 88 2.56 23.33 2.71
C PRO A 88 2.26 21.84 2.53
N GLU A 89 3.32 21.02 2.39
CA GLU A 89 3.16 19.61 2.10
C GLU A 89 2.70 18.79 3.32
N ASP A 90 2.58 19.42 4.49
CA ASP A 90 1.93 18.80 5.65
C ASP A 90 0.41 18.94 5.58
N THR A 91 -0.13 19.66 4.59
CA THR A 91 -1.57 19.73 4.38
C THR A 91 -2.11 18.33 4.08
N ALA A 92 -3.07 17.87 4.90
CA ALA A 92 -3.57 16.51 4.79
C ALA A 92 -4.72 16.32 5.77
N VAL A 93 -5.48 15.22 5.59
CA VAL A 93 -6.33 14.75 6.66
C VAL A 93 -5.49 13.83 7.56
N TYR A 94 -5.50 14.11 8.86
CA TYR A 94 -4.75 13.35 9.86
C TYR A 94 -5.70 12.42 10.61
N TYR A 95 -5.23 11.19 10.82
CA TYR A 95 -6.03 10.14 11.40
C TYR A 95 -5.28 9.49 12.54
N CYS A 96 -5.96 9.19 13.65
N CYS A 96 -6.05 9.10 13.55
CA CYS A 96 -5.39 8.25 14.60
CA CYS A 96 -5.61 8.28 14.67
C CYS A 96 -5.96 6.86 14.33
C CYS A 96 -6.05 6.84 14.42
N ALA A 97 -5.16 5.87 14.72
CA ALA A 97 -5.48 4.48 14.46
C ALA A 97 -4.97 3.58 15.58
N ARG A 98 -5.77 2.56 15.88
CA ARG A 98 -5.38 1.43 16.71
C ARG A 98 -5.27 0.23 15.80
N ARG A 99 -4.09 -0.42 15.79
CA ARG A 99 -3.81 -1.56 14.94
C ARG A 99 -2.92 -2.51 15.74
N ASP A 100 -3.16 -3.79 15.59
CA ASP A 100 -2.36 -4.80 16.30
C ASP A 100 -2.58 -6.14 15.63
N ARG A 101 -1.56 -6.99 15.79
CA ARG A 101 -1.49 -8.27 15.13
C ARG A 101 -2.72 -9.09 15.49
N GLY A 102 -3.44 -9.54 14.46
CA GLY A 102 -4.58 -10.42 14.65
C GLY A 102 -5.74 -9.74 15.38
N GLY A 103 -5.65 -8.43 15.62
CA GLY A 103 -6.76 -7.67 16.18
C GLY A 103 -7.49 -6.91 15.09
N MET A 104 -8.59 -6.24 15.45
CA MET A 104 -9.29 -5.41 14.47
C MET A 104 -8.68 -4.01 14.48
N ASP A 105 -8.47 -3.45 13.29
CA ASP A 105 -8.06 -2.06 13.11
C ASP A 105 -9.24 -1.12 13.38
N TYR A 106 -8.92 0.00 14.03
CA TYR A 106 -9.87 1.09 14.21
C TYR A 106 -9.23 2.42 13.84
N TRP A 107 -10.03 3.26 13.18
CA TRP A 107 -9.63 4.57 12.69
C TRP A 107 -10.63 5.63 13.09
N GLY A 108 -10.14 6.85 13.34
CA GLY A 108 -11.03 8.00 13.45
C GLY A 108 -11.48 8.45 12.06
N LYS A 109 -12.41 9.40 12.07
CA LYS A 109 -12.94 9.99 10.85
C LYS A 109 -11.93 10.95 10.23
N GLY A 110 -10.95 11.39 11.04
CA GLY A 110 -9.88 12.26 10.56
C GLY A 110 -10.18 13.74 10.84
N THR A 111 -9.11 14.56 10.82
CA THR A 111 -9.21 16.01 10.94
C THR A 111 -8.32 16.65 9.88
N GLN A 112 -8.87 17.65 9.19
CA GLN A 112 -8.16 18.37 8.14
C GLN A 112 -7.18 19.36 8.75
N VAL A 113 -5.93 19.32 8.29
CA VAL A 113 -4.96 20.37 8.55
C VAL A 113 -4.60 21.01 7.22
N THR A 114 -4.62 22.35 7.19
CA THR A 114 -4.30 23.09 5.98
C THR A 114 -3.23 24.11 6.32
N VAL A 115 -2.07 23.97 5.67
CA VAL A 115 -0.95 24.87 5.89
C VAL A 115 -0.95 25.85 4.73
N SER A 116 -1.29 27.10 5.02
CA SER A 116 -1.63 28.07 4.00
C SER A 116 -1.14 29.46 4.38
N SER A 117 -0.58 30.19 3.39
CA SER A 117 -0.14 31.56 3.59
C SER A 117 -1.33 32.48 3.88
N ALA A 118 -2.54 32.01 3.63
CA ALA A 118 -3.74 32.79 3.90
C ALA A 118 -4.31 32.53 5.30
N ALA A 119 -3.70 31.61 6.07
CA ALA A 119 -4.19 31.28 7.40
C ALA A 119 -4.07 32.48 8.35
N GLY A 120 -4.98 32.56 9.33
CA GLY A 120 -4.83 33.52 10.41
C GLY A 120 -3.50 33.34 11.13
N HIS A 121 -2.95 34.40 11.73
CA HIS A 121 -1.68 34.29 12.41
C HIS A 121 -1.88 33.87 13.88
N GLU B 1 -37.08 -2.99 4.82
CA GLU B 1 -36.20 -3.19 3.65
C GLU B 1 -34.94 -2.37 3.82
N VAL B 2 -33.88 -2.78 3.14
CA VAL B 2 -32.65 -2.01 3.14
C VAL B 2 -32.89 -0.70 2.39
N GLN B 3 -32.47 0.40 3.02
CA GLN B 3 -32.55 1.73 2.41
C GLN B 3 -31.20 2.43 2.49
N LEU B 4 -30.81 3.03 1.36
CA LEU B 4 -29.62 3.86 1.24
C LEU B 4 -30.07 5.15 0.57
N VAL B 5 -29.91 6.28 1.24
CA VAL B 5 -30.37 7.56 0.74
C VAL B 5 -29.25 8.59 0.79
N GLU B 6 -28.84 9.02 -0.41
CA GLU B 6 -27.80 10.03 -0.55
C GLU B 6 -28.39 11.44 -0.51
N SER B 7 -27.60 12.34 0.09
CA SER B 7 -27.89 13.77 0.09
C SER B 7 -26.58 14.56 0.12
N GLY B 8 -26.67 15.89 -0.04
CA GLY B 8 -25.53 16.78 0.07
C GLY B 8 -24.94 17.17 -1.28
N GLY B 9 -25.53 16.66 -2.38
CA GLY B 9 -25.07 17.01 -3.70
C GLY B 9 -25.61 18.37 -4.14
N GLY B 10 -25.47 18.66 -5.42
CA GLY B 10 -25.92 19.94 -5.93
C GLY B 10 -24.90 20.51 -6.90
N SER B 11 -25.09 21.80 -7.23
N SER B 11 -25.10 21.78 -7.27
CA SER B 11 -24.21 22.51 -8.15
CA SER B 11 -24.19 22.46 -8.17
C SER B 11 -23.16 23.25 -7.36
C SER B 11 -23.16 23.23 -7.35
N VAL B 12 -21.90 23.15 -7.78
CA VAL B 12 -20.81 23.76 -7.07
C VAL B 12 -19.79 24.25 -8.08
N GLN B 13 -19.06 25.31 -7.72
CA GLN B 13 -18.04 25.88 -8.57
C GLN B 13 -16.84 24.93 -8.65
N PRO B 14 -16.17 24.89 -9.81
CA PRO B 14 -14.84 24.30 -9.91
C PRO B 14 -13.95 24.83 -8.80
N GLY B 15 -13.20 23.93 -8.17
CA GLY B 15 -12.37 24.28 -7.03
C GLY B 15 -13.06 24.14 -5.68
N GLY B 16 -14.38 24.00 -5.70
CA GLY B 16 -15.19 24.01 -4.49
C GLY B 16 -15.28 22.64 -3.83
N SER B 17 -16.10 22.59 -2.77
N SER B 17 -16.11 22.57 -2.79
CA SER B 17 -16.23 21.44 -1.89
CA SER B 17 -16.23 21.36 -2.00
C SER B 17 -17.71 21.09 -1.73
C SER B 17 -17.70 21.08 -1.72
N LEU B 18 -17.97 19.79 -1.49
CA LEU B 18 -19.27 19.29 -1.06
C LEU B 18 -19.00 18.18 -0.05
N LYS B 19 -19.98 17.90 0.80
CA LYS B 19 -19.92 16.70 1.61
C LYS B 19 -21.20 15.91 1.40
N LEU B 20 -21.07 14.68 0.91
CA LEU B 20 -22.22 13.81 0.70
C LEU B 20 -22.44 12.95 1.94
N SER B 21 -23.73 12.68 2.18
CA SER B 21 -24.20 11.79 3.23
C SER B 21 -24.99 10.66 2.58
N CYS B 22 -24.79 9.45 3.09
CA CYS B 22 -25.59 8.29 2.76
C CYS B 22 -26.19 7.74 4.06
N LYS B 23 -27.47 8.09 4.27
CA LYS B 23 -28.20 7.70 5.47
C LYS B 23 -28.88 6.37 5.20
N THR B 24 -28.63 5.38 6.06
CA THR B 24 -29.10 4.03 5.81
C THR B 24 -30.15 3.66 6.85
N SER B 25 -30.97 2.68 6.49
CA SER B 25 -31.84 2.05 7.45
C SER B 25 -32.08 0.60 7.02
N GLY B 26 -32.57 -0.21 7.95
CA GLY B 26 -33.07 -1.52 7.59
C GLY B 26 -32.02 -2.63 7.68
N PHE B 27 -30.82 -2.30 8.19
CA PHE B 27 -29.78 -3.30 8.36
C PHE B 27 -28.75 -2.81 9.37
N THR B 28 -27.93 -3.75 9.87
CA THR B 28 -26.89 -3.44 10.85
C THR B 28 -25.68 -2.85 10.10
N PHE B 29 -25.75 -1.56 9.83
CA PHE B 29 -24.76 -0.83 9.03
C PHE B 29 -23.34 -1.09 9.54
N SER B 30 -23.13 -1.11 10.85
CA SER B 30 -21.79 -1.21 11.39
C SER B 30 -21.09 -2.54 11.07
N SER B 31 -21.84 -3.54 10.59
CA SER B 31 -21.30 -4.85 10.25
C SER B 31 -20.78 -4.90 8.83
N TYR B 32 -20.95 -3.83 8.05
CA TYR B 32 -20.70 -3.93 6.62
C TYR B 32 -19.63 -2.96 6.16
N TRP B 33 -18.78 -3.42 5.25
CA TRP B 33 -18.04 -2.49 4.40
C TRP B 33 -19.02 -1.75 3.48
N MET B 34 -18.71 -0.49 3.19
CA MET B 34 -19.58 0.37 2.42
C MET B 34 -18.76 1.10 1.36
N TYR B 35 -19.45 1.49 0.27
CA TYR B 35 -18.77 2.07 -0.88
C TYR B 35 -19.50 3.29 -1.42
N TRP B 36 -18.72 4.14 -2.07
CA TRP B 36 -19.21 5.22 -2.92
C TRP B 36 -18.84 4.91 -4.36
N TYR B 37 -19.82 5.11 -5.24
CA TYR B 37 -19.68 5.02 -6.68
C TYR B 37 -20.14 6.32 -7.32
N ARG B 38 -19.75 6.52 -8.57
CA ARG B 38 -20.33 7.60 -9.36
C ARG B 38 -20.52 7.12 -10.79
N GLN B 39 -21.48 7.75 -11.46
CA GLN B 39 -21.78 7.38 -12.82
C GLN B 39 -22.18 8.63 -13.59
N ALA B 40 -21.42 8.88 -14.66
CA ALA B 40 -21.72 9.93 -15.61
C ALA B 40 -22.61 9.37 -16.70
N PRO B 41 -23.31 10.26 -17.43
CA PRO B 41 -24.24 9.89 -18.48
C PRO B 41 -23.61 8.97 -19.53
N GLY B 42 -24.20 7.76 -19.67
CA GLY B 42 -23.86 6.80 -20.70
C GLY B 42 -22.55 6.05 -20.45
N LYS B 43 -21.96 6.30 -19.27
CA LYS B 43 -20.70 5.69 -18.90
C LYS B 43 -20.94 4.61 -17.86
N GLU B 44 -19.94 3.74 -17.73
CA GLU B 44 -19.95 2.73 -16.70
C GLU B 44 -19.70 3.43 -15.37
N ARG B 45 -20.30 2.87 -14.34
CA ARG B 45 -20.07 3.41 -13.02
C ARG B 45 -18.60 3.23 -12.69
N GLU B 46 -18.13 4.08 -11.78
CA GLU B 46 -16.77 4.05 -11.30
C GLU B 46 -16.80 3.96 -9.78
N LEU B 47 -16.06 3.01 -9.21
CA LEU B 47 -15.88 2.95 -7.77
C LEU B 47 -15.02 4.14 -7.31
N VAL B 48 -15.54 4.91 -6.37
CA VAL B 48 -14.82 6.06 -5.84
C VAL B 48 -14.02 5.68 -4.59
N SER B 49 -14.66 4.99 -3.65
CA SER B 49 -13.99 4.68 -2.39
C SER B 49 -14.73 3.56 -1.66
N GLY B 50 -14.00 2.87 -0.79
CA GLY B 50 -14.56 1.89 0.12
C GLY B 50 -14.06 2.13 1.53
N ILE B 51 -14.83 1.66 2.51
CA ILE B 51 -14.45 1.79 3.91
C ILE B 51 -14.82 0.50 4.65
N ASN B 52 -13.94 0.07 5.54
CA ASN B 52 -14.16 -1.13 6.33
C ASN B 52 -14.93 -0.81 7.61
N THR B 53 -15.18 -1.85 8.42
CA THR B 53 -15.99 -1.68 9.62
C THR B 53 -15.21 -1.00 10.75
N GLY B 54 -13.90 -0.88 10.61
CA GLY B 54 -13.09 -0.13 11.57
C GLY B 54 -12.99 1.35 11.21
N GLY B 55 -13.62 1.74 10.09
CA GLY B 55 -13.52 3.11 9.61
C GLY B 55 -12.28 3.36 8.76
N GLY B 56 -11.58 2.30 8.35
CA GLY B 56 -10.41 2.45 7.51
C GLY B 56 -10.79 2.46 6.04
N SER B 57 -10.30 3.46 5.30
CA SER B 57 -10.49 3.44 3.85
C SER B 57 -9.81 2.20 3.30
N THR B 58 -10.47 1.52 2.36
CA THR B 58 -9.91 0.35 1.71
C THR B 58 -9.40 0.67 0.31
N TYR B 59 -9.89 1.78 -0.27
CA TYR B 59 -9.64 2.09 -1.67
C TYR B 59 -10.06 3.51 -1.94
N TYR B 60 -9.30 4.18 -2.82
CA TYR B 60 -9.72 5.39 -3.49
C TYR B 60 -9.34 5.29 -4.96
N ALA B 61 -10.23 5.74 -5.84
CA ALA B 61 -9.89 5.87 -7.24
C ALA B 61 -8.70 6.83 -7.36
N ASP B 62 -7.78 6.52 -8.26
CA ASP B 62 -6.59 7.36 -8.41
C ASP B 62 -6.95 8.83 -8.60
N SER B 63 -8.01 9.07 -9.38
CA SER B 63 -8.39 10.43 -9.71
C SER B 63 -8.91 11.24 -8.52
N VAL B 64 -9.27 10.59 -7.39
CA VAL B 64 -9.82 11.30 -6.24
C VAL B 64 -8.92 11.20 -5.02
N LYS B 65 -7.83 10.41 -5.10
CA LYS B 65 -7.05 10.13 -3.91
C LYS B 65 -6.56 11.44 -3.28
N GLY B 66 -6.81 11.60 -1.97
CA GLY B 66 -6.42 12.78 -1.22
C GLY B 66 -7.26 14.04 -1.47
N ARG B 67 -8.19 14.00 -2.43
CA ARG B 67 -9.13 15.09 -2.68
C ARG B 67 -10.47 14.76 -2.05
N PHE B 68 -10.86 13.49 -2.15
CA PHE B 68 -12.09 12.99 -1.55
C PHE B 68 -11.68 12.07 -0.39
N THR B 69 -12.45 12.13 0.70
CA THR B 69 -12.19 11.29 1.86
C THR B 69 -13.49 10.68 2.36
N ILE B 70 -13.43 9.37 2.58
CA ILE B 70 -14.56 8.59 3.06
C ILE B 70 -14.51 8.52 4.59
N SER B 71 -15.71 8.49 5.20
CA SER B 71 -15.82 8.29 6.64
C SER B 71 -17.19 7.70 6.95
N ARG B 72 -17.35 7.20 8.17
CA ARG B 72 -18.63 6.64 8.59
C ARG B 72 -18.90 7.00 10.05
N ASP B 73 -20.19 7.13 10.36
CA ASP B 73 -20.67 7.29 11.73
C ASP B 73 -21.66 6.17 12.00
N ASN B 74 -21.17 5.11 12.65
CA ASN B 74 -21.98 3.94 12.91
C ASN B 74 -23.17 4.27 13.82
N ALA B 75 -23.05 5.27 14.69
CA ALA B 75 -24.15 5.60 15.58
C ALA B 75 -25.34 6.17 14.81
N LYS B 76 -25.06 6.88 13.71
CA LYS B 76 -26.10 7.44 12.86
C LYS B 76 -26.34 6.56 11.64
N ASN B 77 -25.62 5.45 11.53
CA ASN B 77 -25.75 4.52 10.41
C ASN B 77 -25.60 5.27 9.09
N THR B 78 -24.60 6.17 9.05
CA THR B 78 -24.41 7.08 7.93
C THR B 78 -22.96 7.00 7.42
N LEU B 79 -22.85 6.98 6.07
CA LEU B 79 -21.59 7.05 5.36
C LEU B 79 -21.43 8.46 4.77
N TYR B 80 -20.18 8.95 4.69
CA TYR B 80 -19.91 10.29 4.18
C TYR B 80 -18.81 10.25 3.12
N LEU B 81 -18.85 11.27 2.25
CA LEU B 81 -17.79 11.54 1.30
C LEU B 81 -17.52 13.04 1.24
N GLN B 82 -16.39 13.44 1.81
CA GLN B 82 -15.94 14.82 1.70
C GLN B 82 -15.25 14.99 0.37
N MET B 83 -15.69 15.95 -0.44
CA MET B 83 -15.15 16.16 -1.76
C MET B 83 -14.60 17.56 -1.87
N ASN B 84 -13.28 17.64 -2.06
CA ASN B 84 -12.61 18.92 -2.20
C ASN B 84 -12.06 19.10 -3.61
N SER B 85 -11.72 20.35 -3.94
CA SER B 85 -11.03 20.68 -5.17
C SER B 85 -11.77 20.09 -6.37
N LEU B 86 -13.08 20.34 -6.42
CA LEU B 86 -13.93 19.69 -7.41
C LEU B 86 -13.62 20.19 -8.82
N LYS B 87 -13.78 19.27 -9.78
CA LYS B 87 -13.46 19.53 -11.17
C LYS B 87 -14.68 19.24 -12.03
N PRO B 88 -14.82 19.85 -13.21
CA PRO B 88 -15.91 19.49 -14.13
C PRO B 88 -16.10 18.00 -14.33
N GLU B 89 -14.97 17.29 -14.45
CA GLU B 89 -14.98 15.86 -14.70
C GLU B 89 -15.47 15.03 -13.50
N ASP B 90 -15.67 15.67 -12.34
CA ASP B 90 -16.30 15.01 -11.19
C ASP B 90 -17.82 15.03 -11.27
N THR B 91 -18.39 15.75 -12.24
CA THR B 91 -19.83 15.80 -12.41
C THR B 91 -20.37 14.39 -12.70
N ALA B 92 -21.35 13.96 -11.91
CA ALA B 92 -21.89 12.60 -11.97
C ALA B 92 -22.99 12.46 -10.94
N VAL B 93 -23.75 11.37 -11.04
CA VAL B 93 -24.57 10.91 -9.95
C VAL B 93 -23.71 10.05 -9.03
N TYR B 94 -23.71 10.41 -7.73
CA TYR B 94 -22.98 9.69 -6.70
C TYR B 94 -23.93 8.80 -5.91
N TYR B 95 -23.51 7.55 -5.73
CA TYR B 95 -24.33 6.51 -5.13
C TYR B 95 -23.54 5.81 -4.03
N CYS B 96 -24.23 5.42 -2.96
N CYS B 96 -24.18 5.49 -2.91
CA CYS B 96 -23.63 4.59 -1.94
CA CYS B 96 -23.55 4.54 -2.00
C CYS B 96 -24.13 3.16 -2.15
C CYS B 96 -24.08 3.15 -2.25
N ALA B 97 -23.31 2.19 -1.75
CA ALA B 97 -23.60 0.79 -2.02
C ALA B 97 -23.10 -0.10 -0.90
N ARG B 98 -23.88 -1.14 -0.66
CA ARG B 98 -23.48 -2.30 0.10
C ARG B 98 -23.45 -3.48 -0.85
N ARG B 99 -22.34 -4.24 -0.87
CA ARG B 99 -22.18 -5.27 -1.91
C ARG B 99 -21.85 -6.60 -1.27
N ASP B 100 -22.82 -7.53 -1.20
CA ASP B 100 -22.62 -8.74 -0.41
C ASP B 100 -21.90 -9.77 -1.25
N ARG B 101 -20.92 -10.44 -0.65
CA ARG B 101 -20.20 -11.53 -1.31
C ARG B 101 -21.19 -12.66 -1.61
N GLY B 102 -21.41 -12.93 -2.90
CA GLY B 102 -22.34 -13.97 -3.32
C GLY B 102 -23.78 -13.51 -3.27
N GLY B 103 -24.06 -12.51 -2.42
CA GLY B 103 -25.42 -12.11 -2.09
C GLY B 103 -25.86 -10.89 -2.90
N MET B 104 -26.78 -10.13 -2.32
CA MET B 104 -27.43 -9.04 -3.05
C MET B 104 -26.52 -7.82 -2.98
N ASP B 105 -26.64 -6.97 -4.01
CA ASP B 105 -26.17 -5.61 -3.96
C ASP B 105 -27.32 -4.74 -3.50
N TYR B 106 -26.98 -3.65 -2.81
CA TYR B 106 -27.93 -2.60 -2.49
C TYR B 106 -27.30 -1.28 -2.90
N TRP B 107 -28.10 -0.48 -3.61
CA TRP B 107 -27.69 0.79 -4.18
C TRP B 107 -28.65 1.89 -3.78
N GLY B 108 -28.12 3.07 -3.43
CA GLY B 108 -28.99 4.23 -3.31
C GLY B 108 -29.46 4.72 -4.68
N LYS B 109 -30.46 5.60 -4.71
CA LYS B 109 -30.89 6.20 -5.96
C LYS B 109 -29.91 7.26 -6.43
N GLY B 110 -29.09 7.79 -5.52
CA GLY B 110 -28.03 8.69 -5.90
C GLY B 110 -28.36 10.16 -5.66
N THR B 111 -27.30 10.97 -5.68
CA THR B 111 -27.40 12.41 -5.61
C THR B 111 -26.55 12.99 -6.74
N GLN B 112 -27.13 13.93 -7.49
CA GLN B 112 -26.42 14.61 -8.55
C GLN B 112 -25.40 15.60 -7.98
N VAL B 113 -24.18 15.53 -8.53
CA VAL B 113 -23.15 16.52 -8.31
C VAL B 113 -22.81 17.15 -9.65
N THR B 114 -22.97 18.47 -9.73
CA THR B 114 -22.68 19.20 -10.96
C THR B 114 -21.65 20.27 -10.66
N VAL B 115 -20.47 20.13 -11.29
CA VAL B 115 -19.38 21.07 -11.07
C VAL B 115 -19.34 21.99 -12.28
N SER B 116 -19.70 23.24 -12.07
CA SER B 116 -19.95 24.17 -13.16
C SER B 116 -19.65 25.60 -12.75
N SER B 117 -19.01 26.35 -13.67
CA SER B 117 -18.69 27.75 -13.47
C SER B 117 -19.97 28.60 -13.43
N ALA B 118 -21.12 28.01 -13.72
CA ALA B 118 -22.39 28.71 -13.59
C ALA B 118 -23.01 28.49 -12.20
N ALA B 119 -22.39 27.68 -11.33
CA ALA B 119 -22.93 27.43 -10.01
C ALA B 119 -22.85 28.67 -9.11
N GLY B 120 -23.70 28.71 -8.09
CA GLY B 120 -23.63 29.73 -7.06
C GLY B 120 -22.33 29.68 -6.26
N HIS B 121 -21.98 30.87 -5.75
CA HIS B 121 -20.95 31.12 -4.76
C HIS B 121 -21.33 32.41 -4.03
N GLU C 1 5.71 -31.03 -24.95
CA GLU C 1 5.80 -29.64 -25.50
C GLU C 1 5.92 -28.64 -24.35
N VAL C 2 6.23 -27.40 -24.70
CA VAL C 2 6.27 -26.36 -23.69
C VAL C 2 4.89 -26.28 -23.05
N GLN C 3 4.87 -26.15 -21.71
CA GLN C 3 3.66 -25.92 -20.96
C GLN C 3 3.89 -24.77 -19.99
N LEU C 4 2.96 -23.81 -20.01
CA LEU C 4 2.93 -22.71 -19.06
C LEU C 4 1.58 -22.79 -18.35
N VAL C 5 1.59 -22.76 -17.01
CA VAL C 5 0.36 -22.93 -16.26
C VAL C 5 0.25 -21.86 -15.19
N GLU C 6 -0.73 -20.96 -15.37
CA GLU C 6 -0.94 -19.87 -14.42
C GLU C 6 -1.88 -20.32 -13.31
N SER C 7 -1.60 -19.81 -12.12
CA SER C 7 -2.45 -20.02 -10.96
C SER C 7 -2.33 -18.82 -10.02
N GLY C 8 -3.20 -18.80 -9.02
CA GLY C 8 -3.17 -17.77 -7.99
C GLY C 8 -4.18 -16.64 -8.21
N GLY C 9 -4.96 -16.71 -9.28
CA GLY C 9 -5.99 -15.71 -9.48
C GLY C 9 -7.17 -15.93 -8.54
N GLY C 10 -8.14 -15.05 -8.65
CA GLY C 10 -9.31 -15.09 -7.80
C GLY C 10 -9.95 -13.71 -7.76
N SER C 11 -10.93 -13.61 -6.85
CA SER C 11 -11.68 -12.41 -6.60
C SER C 11 -11.11 -11.74 -5.36
N VAL C 12 -10.83 -10.46 -5.45
CA VAL C 12 -10.23 -9.72 -4.37
C VAL C 12 -10.86 -8.33 -4.30
N GLN C 13 -10.89 -7.76 -3.09
CA GLN C 13 -11.36 -6.39 -2.92
C GLN C 13 -10.43 -5.38 -3.57
N PRO C 14 -10.97 -4.27 -4.09
CA PRO C 14 -10.17 -3.10 -4.45
C PRO C 14 -9.27 -2.73 -3.28
N GLY C 15 -8.01 -2.48 -3.58
CA GLY C 15 -6.99 -2.18 -2.59
C GLY C 15 -6.25 -3.43 -2.08
N GLY C 16 -6.72 -4.62 -2.48
CA GLY C 16 -6.16 -5.87 -2.01
C GLY C 16 -4.96 -6.27 -2.86
N SER C 17 -4.50 -7.51 -2.64
CA SER C 17 -3.32 -8.01 -3.33
C SER C 17 -3.51 -9.48 -3.70
N LEU C 18 -2.71 -9.93 -4.67
CA LEU C 18 -2.70 -11.31 -5.15
C LEU C 18 -1.28 -11.58 -5.62
N LYS C 19 -0.89 -12.86 -5.65
CA LYS C 19 0.37 -13.25 -6.26
C LYS C 19 0.08 -14.41 -7.21
N LEU C 20 0.37 -14.16 -8.48
CA LEU C 20 0.18 -15.16 -9.51
C LEU C 20 1.46 -15.98 -9.66
N SER C 21 1.29 -17.26 -10.02
CA SER C 21 2.40 -18.13 -10.39
C SER C 21 2.19 -18.65 -11.81
N CYS C 22 3.29 -18.83 -12.52
CA CYS C 22 3.27 -19.50 -13.81
C CYS C 22 4.31 -20.61 -13.74
N LYS C 23 3.83 -21.84 -13.54
CA LYS C 23 4.69 -23.00 -13.44
C LYS C 23 4.88 -23.54 -14.84
N THR C 24 6.15 -23.77 -15.18
CA THR C 24 6.50 -24.16 -16.54
C THR C 24 7.06 -25.57 -16.57
N SER C 25 6.99 -26.16 -17.76
CA SER C 25 7.65 -27.41 -18.07
C SER C 25 7.98 -27.48 -19.56
N GLY C 26 8.86 -28.41 -19.92
CA GLY C 26 9.11 -28.73 -21.31
C GLY C 26 10.18 -27.89 -21.98
N PHE C 27 10.87 -27.01 -21.23
CA PHE C 27 11.98 -26.25 -21.78
C PHE C 27 12.89 -25.77 -20.67
N THR C 28 14.09 -25.30 -21.07
CA THR C 28 15.05 -24.72 -20.14
C THR C 28 14.65 -23.27 -19.84
N PHE C 29 13.74 -23.14 -18.87
CA PHE C 29 13.16 -21.87 -18.45
C PHE C 29 14.22 -20.80 -18.18
N SER C 30 15.33 -21.19 -17.57
CA SER C 30 16.34 -20.23 -17.16
C SER C 30 17.05 -19.56 -18.35
N SER C 31 16.84 -20.08 -19.56
CA SER C 31 17.48 -19.54 -20.75
C SER C 31 16.63 -18.45 -21.42
N TYR C 32 15.40 -18.22 -20.95
CA TYR C 32 14.47 -17.38 -21.67
C TYR C 32 13.98 -16.20 -20.84
N TRP C 33 13.82 -15.06 -21.52
CA TRP C 33 13.01 -13.98 -20.99
C TRP C 33 11.56 -14.46 -20.92
N MET C 34 10.81 -13.93 -19.95
CA MET C 34 9.41 -14.32 -19.79
C MET C 34 8.56 -13.08 -19.57
N TYR C 35 7.25 -13.21 -19.81
CA TYR C 35 6.35 -12.08 -19.82
C TYR C 35 5.04 -12.43 -19.15
N TRP C 36 4.42 -11.40 -18.56
CA TRP C 36 3.02 -11.42 -18.21
C TRP C 36 2.23 -10.48 -19.12
N TYR C 37 1.07 -10.95 -19.56
CA TYR C 37 0.10 -10.18 -20.30
C TYR C 37 -1.24 -10.29 -19.59
N ARG C 38 -2.18 -9.40 -19.96
CA ARG C 38 -3.52 -9.53 -19.43
C ARG C 38 -4.50 -9.09 -20.51
N GLN C 39 -5.73 -9.60 -20.39
CA GLN C 39 -6.76 -9.24 -21.33
C GLN C 39 -8.13 -9.32 -20.69
N ALA C 40 -8.85 -8.21 -20.80
CA ALA C 40 -10.20 -8.11 -20.30
C ALA C 40 -11.17 -8.29 -21.46
N PRO C 41 -12.43 -8.72 -21.22
CA PRO C 41 -13.37 -8.89 -22.33
C PRO C 41 -13.56 -7.60 -23.13
N GLY C 42 -13.53 -7.75 -24.46
CA GLY C 42 -13.78 -6.64 -25.34
C GLY C 42 -12.57 -5.76 -25.62
N LYS C 43 -11.44 -6.00 -24.94
CA LYS C 43 -10.26 -5.18 -25.08
C LYS C 43 -9.09 -6.00 -25.61
N GLU C 44 -8.15 -5.30 -26.25
CA GLU C 44 -6.92 -5.92 -26.75
C GLU C 44 -6.09 -6.38 -25.56
N ARG C 45 -5.28 -7.41 -25.80
CA ARG C 45 -4.37 -7.89 -24.78
C ARG C 45 -3.24 -6.88 -24.58
N GLU C 46 -2.82 -6.72 -23.32
CA GLU C 46 -1.82 -5.75 -22.90
C GLU C 46 -0.62 -6.48 -22.30
N LEU C 47 0.59 -6.09 -22.69
CA LEU C 47 1.81 -6.51 -22.02
C LEU C 47 1.87 -5.83 -20.64
N VAL C 48 2.01 -6.64 -19.60
CA VAL C 48 2.08 -6.15 -18.23
C VAL C 48 3.52 -5.98 -17.79
N SER C 49 4.35 -7.02 -17.99
CA SER C 49 5.72 -7.00 -17.49
C SER C 49 6.56 -8.05 -18.22
N GLY C 50 7.86 -7.77 -18.28
CA GLY C 50 8.87 -8.70 -18.77
C GLY C 50 10.02 -8.85 -17.78
N ILE C 51 10.73 -9.97 -17.85
CA ILE C 51 11.84 -10.25 -16.96
C ILE C 51 12.91 -11.02 -17.75
N ASN C 52 14.17 -10.70 -17.43
CA ASN C 52 15.32 -11.28 -18.11
C ASN C 52 15.73 -12.54 -17.36
N THR C 53 16.74 -13.24 -17.87
CA THR C 53 17.08 -14.54 -17.32
C THR C 53 17.59 -14.36 -15.89
N GLY C 54 18.27 -13.24 -15.63
CA GLY C 54 18.87 -12.99 -14.33
C GLY C 54 17.87 -12.54 -13.26
N GLY C 55 16.58 -12.54 -13.57
CA GLY C 55 15.56 -12.15 -12.60
C GLY C 55 15.32 -10.64 -12.55
N GLY C 56 16.03 -9.85 -13.38
CA GLY C 56 15.78 -8.41 -13.43
C GLY C 56 14.57 -8.08 -14.31
N SER C 57 13.69 -7.20 -13.84
CA SER C 57 12.58 -6.75 -14.66
C SER C 57 13.10 -5.99 -15.89
N THR C 58 12.46 -6.21 -17.04
CA THR C 58 12.83 -5.51 -18.26
C THR C 58 11.83 -4.39 -18.53
N TYR C 59 10.59 -4.57 -18.06
CA TYR C 59 9.50 -3.69 -18.46
C TYR C 59 8.30 -3.82 -17.53
N TYR C 60 7.66 -2.68 -17.26
CA TYR C 60 6.32 -2.64 -16.69
C TYR C 60 5.46 -1.68 -17.48
N ALA C 61 4.21 -2.09 -17.72
CA ALA C 61 3.21 -1.19 -18.27
C ALA C 61 3.01 0.01 -17.34
N ASP C 62 2.78 1.19 -17.95
CA ASP C 62 2.53 2.40 -17.19
C ASP C 62 1.47 2.18 -16.12
N SER C 63 0.41 1.46 -16.50
CA SER C 63 -0.76 1.25 -15.66
C SER C 63 -0.46 0.45 -14.38
N VAL C 64 0.71 -0.23 -14.29
CA VAL C 64 0.98 -1.08 -13.14
C VAL C 64 2.26 -0.70 -12.43
N LYS C 65 2.96 0.32 -12.92
CA LYS C 65 4.18 0.74 -12.25
C LYS C 65 3.89 1.13 -10.80
N GLY C 66 4.82 0.70 -9.95
CA GLY C 66 4.76 0.97 -8.52
C GLY C 66 3.82 0.01 -7.77
N ARG C 67 3.08 -0.84 -8.50
CA ARG C 67 2.13 -1.73 -7.85
C ARG C 67 2.46 -3.21 -8.06
N PHE C 68 2.92 -3.57 -9.28
CA PHE C 68 3.14 -4.97 -9.61
C PHE C 68 4.63 -5.27 -9.63
N THR C 69 4.98 -6.51 -9.31
CA THR C 69 6.37 -6.94 -9.30
C THR C 69 6.51 -8.30 -9.96
N ILE C 70 7.35 -8.34 -11.00
CA ILE C 70 7.67 -9.59 -11.68
C ILE C 70 8.91 -10.20 -11.04
N SER C 71 8.90 -11.52 -10.92
CA SER C 71 10.04 -12.26 -10.38
C SER C 71 10.08 -13.67 -10.95
N ARG C 72 11.19 -14.37 -10.76
CA ARG C 72 11.28 -15.74 -11.22
C ARG C 72 12.15 -16.56 -10.28
N ASP C 73 11.87 -17.86 -10.27
CA ASP C 73 12.67 -18.85 -9.57
C ASP C 73 13.13 -19.89 -10.59
N ASN C 74 14.40 -19.75 -11.00
CA ASN C 74 14.95 -20.63 -12.02
C ASN C 74 15.09 -22.06 -11.51
N ALA C 75 15.27 -22.22 -10.21
CA ALA C 75 15.41 -23.57 -9.69
C ALA C 75 14.09 -24.33 -9.86
N LYS C 76 12.95 -23.65 -9.68
CA LYS C 76 11.65 -24.29 -9.78
C LYS C 76 11.02 -24.08 -11.16
N ASN C 77 11.68 -23.30 -12.03
CA ASN C 77 11.17 -23.01 -13.36
C ASN C 77 9.80 -22.33 -13.29
N THR C 78 9.67 -21.36 -12.37
CA THR C 78 8.41 -20.68 -12.13
C THR C 78 8.60 -19.17 -12.20
N LEU C 79 7.61 -18.52 -12.83
CA LEU C 79 7.52 -17.07 -12.97
C LEU C 79 6.42 -16.58 -12.03
N TYR C 80 6.58 -15.37 -11.48
CA TYR C 80 5.60 -14.82 -10.56
C TYR C 80 5.22 -13.38 -10.94
N LEU C 81 4.00 -13.00 -10.52
CA LEU C 81 3.57 -11.62 -10.58
C LEU C 81 2.88 -11.27 -9.27
N GLN C 82 3.54 -10.42 -8.47
CA GLN C 82 2.94 -9.90 -7.26
C GLN C 82 2.16 -8.65 -7.63
N MET C 83 0.91 -8.58 -7.18
CA MET C 83 0.00 -7.50 -7.55
C MET C 83 -0.52 -6.85 -6.29
N ASN C 84 -0.09 -5.62 -6.05
CA ASN C 84 -0.55 -4.87 -4.88
C ASN C 84 -1.48 -3.73 -5.27
N SER C 85 -2.19 -3.19 -4.28
CA SER C 85 -3.04 -2.03 -4.48
C SER C 85 -3.93 -2.21 -5.71
N LEU C 86 -4.65 -3.33 -5.73
CA LEU C 86 -5.44 -3.68 -6.89
C LEU C 86 -6.61 -2.73 -7.11
N LYS C 87 -6.93 -2.55 -8.39
CA LYS C 87 -7.97 -1.64 -8.81
C LYS C 87 -8.97 -2.40 -9.67
N PRO C 88 -10.25 -1.95 -9.73
CA PRO C 88 -11.23 -2.61 -10.61
C PRO C 88 -10.70 -2.82 -12.03
N GLU C 89 -9.96 -1.84 -12.56
CA GLU C 89 -9.45 -1.89 -13.93
C GLU C 89 -8.34 -2.93 -14.13
N ASP C 90 -7.87 -3.58 -13.07
CA ASP C 90 -6.94 -4.68 -13.16
C ASP C 90 -7.64 -6.00 -13.44
N THR C 91 -8.97 -6.01 -13.41
CA THR C 91 -9.73 -7.21 -13.71
C THR C 91 -9.44 -7.65 -15.13
N ALA C 92 -9.07 -8.93 -15.29
CA ALA C 92 -8.66 -9.46 -16.58
C ALA C 92 -8.27 -10.92 -16.39
N VAL C 93 -8.14 -11.64 -17.51
CA VAL C 93 -7.39 -12.88 -17.53
C VAL C 93 -5.91 -12.55 -17.67
N TYR C 94 -5.09 -13.12 -16.79
CA TYR C 94 -3.65 -12.91 -16.82
C TYR C 94 -2.97 -14.13 -17.41
N TYR C 95 -2.02 -13.87 -18.31
CA TYR C 95 -1.33 -14.90 -19.06
C TYR C 95 0.17 -14.77 -18.93
N CYS C 96 0.88 -15.88 -18.72
N CYS C 96 0.79 -15.94 -18.87
CA CYS C 96 2.31 -15.83 -18.94
CA CYS C 96 2.22 -16.10 -18.93
C CYS C 96 2.62 -16.31 -20.35
C CYS C 96 2.63 -16.37 -20.39
N ALA C 97 3.78 -15.84 -20.84
CA ALA C 97 4.18 -16.05 -22.22
C ALA C 97 5.68 -16.15 -22.37
N ARG C 98 6.07 -16.99 -23.32
CA ARG C 98 7.42 -17.02 -23.86
C ARG C 98 7.34 -16.62 -25.33
N ARG C 99 8.11 -15.61 -25.76
CA ARG C 99 8.03 -15.13 -27.14
C ARG C 99 9.42 -15.02 -27.77
N ASP C 100 9.73 -15.90 -28.74
CA ASP C 100 11.09 -16.00 -29.29
C ASP C 100 11.24 -15.11 -30.52
N ARG C 101 12.45 -14.58 -30.78
CA ARG C 101 12.76 -14.06 -32.10
C ARG C 101 12.59 -15.23 -33.07
N GLY C 102 11.95 -14.99 -34.20
CA GLY C 102 11.73 -16.08 -35.16
C GLY C 102 10.27 -16.54 -35.20
N GLY C 103 9.50 -16.24 -34.16
CA GLY C 103 8.04 -16.27 -34.26
C GLY C 103 7.38 -17.40 -33.48
N MET C 104 8.18 -18.18 -32.74
CA MET C 104 7.68 -19.18 -31.82
C MET C 104 7.15 -18.53 -30.54
N ASP C 105 5.89 -18.81 -30.24
CA ASP C 105 5.21 -18.17 -29.14
C ASP C 105 4.54 -19.26 -28.29
N TYR C 106 4.62 -19.12 -26.96
CA TYR C 106 3.91 -20.01 -26.05
C TYR C 106 3.12 -19.16 -25.05
N TRP C 107 1.90 -19.62 -24.77
CA TRP C 107 0.97 -18.97 -23.87
C TRP C 107 0.44 -20.00 -22.89
N GLY C 108 0.21 -19.59 -21.66
CA GLY C 108 -0.66 -20.38 -20.81
C GLY C 108 -2.14 -20.17 -21.14
N LYS C 109 -2.99 -20.98 -20.49
CA LYS C 109 -4.43 -20.85 -20.64
C LYS C 109 -4.97 -19.64 -19.89
N GLY C 110 -4.19 -19.10 -18.94
CA GLY C 110 -4.58 -17.88 -18.25
C GLY C 110 -5.23 -18.14 -16.88
N THR C 111 -5.19 -17.13 -16.00
CA THR C 111 -5.87 -17.20 -14.72
C THR C 111 -6.68 -15.91 -14.55
N GLN C 112 -7.94 -16.04 -14.12
CA GLN C 112 -8.82 -14.90 -13.97
C GLN C 112 -8.52 -14.16 -12.69
N VAL C 113 -8.42 -12.84 -12.80
CA VAL C 113 -8.30 -11.94 -11.65
C VAL C 113 -9.49 -11.00 -11.70
N THR C 114 -10.26 -10.95 -10.60
CA THR C 114 -11.46 -10.12 -10.54
C THR C 114 -11.33 -9.22 -9.31
N VAL C 115 -11.27 -7.90 -9.54
CA VAL C 115 -11.12 -6.97 -8.44
C VAL C 115 -12.47 -6.28 -8.31
N SER C 116 -13.18 -6.63 -7.25
CA SER C 116 -14.58 -6.22 -7.13
C SER C 116 -14.94 -5.95 -5.68
N SER C 117 -15.76 -4.91 -5.46
CA SER C 117 -16.25 -4.57 -4.13
C SER C 117 -17.14 -5.67 -3.58
N ALA C 118 -17.57 -6.61 -4.44
CA ALA C 118 -18.37 -7.74 -3.99
C ALA C 118 -17.51 -8.94 -3.56
N ALA C 119 -16.18 -8.84 -3.67
CA ALA C 119 -15.32 -9.96 -3.28
C ALA C 119 -15.34 -10.18 -1.78
N GLY C 120 -14.99 -11.40 -1.35
CA GLY C 120 -14.73 -11.69 0.05
C GLY C 120 -13.59 -10.84 0.61
N HIS C 121 -13.60 -10.62 1.94
CA HIS C 121 -12.64 -9.71 2.55
C HIS C 121 -11.30 -10.42 2.81
N GLU D 1 26.45 -27.47 -6.46
CA GLU D 1 26.17 -26.14 -7.07
C GLU D 1 26.15 -25.09 -5.97
N VAL D 2 26.27 -23.83 -6.41
CA VAL D 2 26.25 -22.72 -5.47
C VAL D 2 24.87 -22.67 -4.82
N GLN D 3 24.85 -22.47 -3.50
CA GLN D 3 23.62 -22.26 -2.78
C GLN D 3 23.75 -21.04 -1.88
N LEU D 4 22.72 -20.18 -1.97
CA LEU D 4 22.58 -19.02 -1.12
C LEU D 4 21.19 -19.10 -0.52
N VAL D 5 21.09 -19.09 0.82
CA VAL D 5 19.81 -19.29 1.48
C VAL D 5 19.62 -18.23 2.56
N GLU D 6 18.63 -17.35 2.34
CA GLU D 6 18.36 -16.26 3.25
C GLU D 6 17.31 -16.70 4.28
N SER D 7 17.50 -16.17 5.48
CA SER D 7 16.54 -16.36 6.57
C SER D 7 16.57 -15.14 7.47
N GLY D 8 15.61 -15.07 8.41
CA GLY D 8 15.61 -14.01 9.41
C GLY D 8 14.58 -12.93 9.14
N GLY D 9 13.86 -13.02 8.00
CA GLY D 9 12.84 -12.04 7.69
C GLY D 9 11.60 -12.26 8.53
N GLY D 10 10.62 -11.41 8.30
CA GLY D 10 9.35 -11.50 9.00
C GLY D 10 8.67 -10.15 9.00
N SER D 11 7.66 -10.07 9.85
CA SER D 11 6.87 -8.88 10.05
C SER D 11 7.37 -8.16 11.29
N VAL D 12 7.64 -6.87 11.16
CA VAL D 12 8.20 -6.09 12.25
C VAL D 12 7.54 -4.72 12.25
N GLN D 13 7.43 -4.12 13.43
CA GLN D 13 6.89 -2.79 13.56
C GLN D 13 7.81 -1.74 12.96
N PRO D 14 7.26 -0.63 12.43
CA PRO D 14 8.06 0.55 12.15
C PRO D 14 8.88 0.91 13.38
N GLY D 15 10.17 1.20 13.16
CA GLY D 15 11.09 1.52 14.23
C GLY D 15 11.83 0.28 14.75
N GLY D 16 11.43 -0.91 14.28
CA GLY D 16 11.93 -2.16 14.81
C GLY D 16 13.22 -2.60 14.13
N SER D 17 13.66 -3.81 14.48
N SER D 17 13.67 -3.81 14.47
CA SER D 17 14.95 -4.36 14.08
CA SER D 17 14.94 -4.33 13.97
C SER D 17 14.79 -5.81 13.62
C SER D 17 14.80 -5.81 13.62
N LEU D 18 15.70 -6.24 12.75
CA LEU D 18 15.78 -7.61 12.28
C LEU D 18 17.24 -7.90 11.97
N LYS D 19 17.64 -9.17 11.97
CA LYS D 19 18.93 -9.59 11.45
C LYS D 19 18.70 -10.70 10.42
N LEU D 20 19.12 -10.43 9.19
CA LEU D 20 19.05 -11.44 8.13
C LEU D 20 20.36 -12.21 8.05
N SER D 21 20.25 -13.48 7.69
CA SER D 21 21.38 -14.35 7.42
C SER D 21 21.27 -14.88 6.00
N CYS D 22 22.42 -15.01 5.34
CA CYS D 22 22.55 -15.66 4.06
C CYS D 22 23.58 -16.77 4.22
N LYS D 23 23.10 -18.00 4.42
CA LYS D 23 23.98 -19.14 4.61
C LYS D 23 24.31 -19.71 3.24
N THR D 24 25.59 -19.96 3.00
CA THR D 24 26.03 -20.38 1.68
C THR D 24 26.61 -21.78 1.73
N SER D 25 26.60 -22.42 0.56
CA SER D 25 27.33 -23.66 0.38
C SER D 25 27.74 -23.80 -1.08
N GLY D 26 28.68 -24.71 -1.34
CA GLY D 26 29.01 -25.08 -2.71
C GLY D 26 30.09 -24.21 -3.36
N PHE D 27 30.74 -23.33 -2.60
CA PHE D 27 31.82 -22.52 -3.14
C PHE D 27 32.65 -21.98 -1.97
N THR D 28 33.83 -21.48 -2.31
CA THR D 28 34.75 -20.88 -1.35
C THR D 28 34.32 -19.44 -1.10
N PHE D 29 33.32 -19.30 -0.22
CA PHE D 29 32.69 -18.03 0.10
C PHE D 29 33.71 -16.93 0.38
N SER D 30 34.76 -17.27 1.13
CA SER D 30 35.75 -16.29 1.58
C SER D 30 36.49 -15.64 0.42
N SER D 31 36.43 -16.21 -0.78
CA SER D 31 37.12 -15.69 -1.96
C SER D 31 36.33 -14.61 -2.70
N TYR D 32 35.07 -14.36 -2.33
CA TYR D 32 34.16 -13.53 -3.11
C TYR D 32 33.67 -12.33 -2.32
N TRP D 33 33.57 -11.21 -3.04
CA TRP D 33 32.71 -10.11 -2.61
C TRP D 33 31.27 -10.60 -2.59
N MET D 34 30.48 -10.11 -1.64
CA MET D 34 29.09 -10.49 -1.54
C MET D 34 28.20 -9.27 -1.36
N TYR D 35 26.92 -9.40 -1.75
CA TYR D 35 26.01 -8.28 -1.73
C TYR D 35 24.67 -8.67 -1.12
N TRP D 36 24.01 -7.65 -0.57
CA TRP D 36 22.59 -7.69 -0.32
C TRP D 36 21.84 -6.77 -1.29
N TYR D 37 20.75 -7.33 -1.78
CA TYR D 37 19.79 -6.64 -2.62
C TYR D 37 18.41 -6.68 -1.97
N ARG D 38 17.53 -5.79 -2.42
CA ARG D 38 16.14 -5.91 -2.04
C ARG D 38 15.28 -5.57 -3.25
N GLN D 39 14.08 -6.15 -3.27
N GLN D 39 14.09 -6.18 -3.28
CA GLN D 39 13.09 -5.90 -4.29
CA GLN D 39 13.11 -5.84 -4.29
C GLN D 39 11.80 -5.48 -3.61
C GLN D 39 11.80 -5.47 -3.60
N ALA D 40 11.50 -4.17 -3.65
CA ALA D 40 10.30 -3.63 -3.05
C ALA D 40 9.16 -3.75 -4.05
N PRO D 41 7.91 -3.76 -3.53
CA PRO D 41 6.73 -3.87 -4.37
C PRO D 41 6.77 -2.67 -5.27
N GLY D 42 6.80 -2.91 -6.58
CA GLY D 42 6.59 -1.80 -7.49
C GLY D 42 7.86 -1.22 -8.07
N LYS D 43 9.02 -1.66 -7.55
CA LYS D 43 10.27 -0.96 -7.81
C LYS D 43 11.25 -1.90 -8.50
N GLU D 44 12.24 -1.31 -9.16
CA GLU D 44 13.41 -2.05 -9.64
C GLU D 44 14.18 -2.53 -8.42
N ARG D 45 14.93 -3.62 -8.59
CA ARG D 45 15.73 -4.12 -7.48
C ARG D 45 16.75 -3.04 -7.09
N GLU D 46 17.11 -3.03 -5.80
CA GLU D 46 17.98 -2.03 -5.23
C GLU D 46 19.15 -2.74 -4.54
N LEU D 47 20.37 -2.32 -4.89
CA LEU D 47 21.56 -2.74 -4.15
C LEU D 47 21.55 -2.08 -2.78
N VAL D 48 21.58 -2.91 -1.73
CA VAL D 48 21.55 -2.44 -0.36
C VAL D 48 22.96 -2.25 0.18
N SER D 49 23.81 -3.27 0.02
CA SER D 49 25.14 -3.22 0.61
C SER D 49 26.03 -4.24 -0.08
N GLY D 50 27.32 -3.97 0.00
CA GLY D 50 28.34 -4.90 -0.47
C GLY D 50 29.48 -5.01 0.53
N ILE D 51 30.22 -6.12 0.48
CA ILE D 51 31.33 -6.36 1.40
C ILE D 51 32.43 -7.08 0.64
N ASN D 52 33.68 -6.68 0.90
CA ASN D 52 34.83 -7.28 0.24
C ASN D 52 35.29 -8.53 1.00
N THR D 53 36.39 -9.15 0.54
CA THR D 53 36.78 -10.42 1.13
C THR D 53 37.30 -10.22 2.55
N GLY D 54 37.97 -9.09 2.82
CA GLY D 54 38.54 -8.82 4.13
C GLY D 54 37.49 -8.43 5.16
N GLY D 55 36.28 -8.19 4.69
CA GLY D 55 35.19 -8.01 5.62
C GLY D 55 34.94 -6.55 5.86
N GLY D 56 35.45 -5.70 4.99
CA GLY D 56 34.98 -4.33 4.97
C GLY D 56 33.77 -4.10 4.06
N SER D 57 32.80 -3.31 4.56
CA SER D 57 31.72 -2.81 3.72
C SER D 57 32.32 -2.08 2.53
N THR D 58 31.86 -2.39 1.32
CA THR D 58 32.31 -1.70 0.11
C THR D 58 31.32 -0.59 -0.12
N TYR D 59 30.11 -0.75 0.46
CA TYR D 59 29.06 0.15 0.06
C TYR D 59 27.78 -0.03 0.86
N TYR D 60 27.14 1.10 1.14
CA TYR D 60 25.77 1.11 1.61
C TYR D 60 24.97 2.08 0.76
N ALA D 61 23.75 1.67 0.40
CA ALA D 61 22.82 2.61 -0.23
C ALA D 61 22.58 3.79 0.71
N ASP D 62 22.49 4.99 0.15
CA ASP D 62 22.16 6.15 0.96
C ASP D 62 20.90 5.92 1.79
N SER D 63 19.92 5.21 1.20
CA SER D 63 18.65 4.94 1.82
C SER D 63 18.73 4.09 3.10
N VAL D 64 19.88 3.43 3.38
CA VAL D 64 19.99 2.56 4.54
C VAL D 64 21.14 2.96 5.46
N LYS D 65 21.86 4.02 5.11
CA LYS D 65 22.99 4.45 5.94
C LYS D 65 22.53 4.76 7.35
N GLY D 66 23.32 4.28 8.31
CA GLY D 66 23.06 4.49 9.72
C GLY D 66 22.01 3.53 10.28
N ARG D 67 21.41 2.68 9.42
CA ARG D 67 20.36 1.78 9.86
C ARG D 67 20.71 0.32 9.59
N PHE D 68 21.40 0.02 8.46
CA PHE D 68 21.71 -1.36 8.13
C PHE D 68 23.21 -1.58 8.19
N THR D 69 23.61 -2.80 8.54
CA THR D 69 25.02 -3.14 8.64
C THR D 69 25.24 -4.49 8.00
N ILE D 70 26.22 -4.55 7.10
CA ILE D 70 26.63 -5.80 6.49
C ILE D 70 27.81 -6.39 7.26
N SER D 71 27.88 -7.72 7.34
CA SER D 71 29.04 -8.38 7.91
C SER D 71 29.12 -9.79 7.33
N ARG D 72 30.26 -10.44 7.55
CA ARG D 72 30.44 -11.82 7.09
C ARG D 72 31.22 -12.59 8.14
N ASP D 73 30.93 -13.89 8.16
CA ASP D 73 31.64 -14.87 8.98
C ASP D 73 32.18 -15.92 8.03
N ASN D 74 33.48 -15.83 7.74
CA ASN D 74 34.07 -16.73 6.77
C ASN D 74 34.15 -18.16 7.32
N ALA D 75 34.21 -18.32 8.63
CA ALA D 75 34.22 -19.67 9.17
C ALA D 75 32.89 -20.40 8.91
N LYS D 76 31.77 -19.70 9.07
CA LYS D 76 30.44 -20.27 8.86
C LYS D 76 29.97 -20.10 7.42
N ASN D 77 30.74 -19.39 6.60
CA ASN D 77 30.39 -19.09 5.20
C ASN D 77 29.01 -18.44 5.13
N THR D 78 28.81 -17.44 5.99
CA THR D 78 27.53 -16.75 6.11
C THR D 78 27.73 -15.24 6.01
N LEU D 79 26.77 -14.61 5.31
CA LEU D 79 26.62 -13.16 5.20
C LEU D 79 25.44 -12.70 6.06
N TYR D 80 25.57 -11.52 6.67
CA TYR D 80 24.53 -11.00 7.54
C TYR D 80 24.13 -9.59 7.14
N LEU D 81 22.88 -9.23 7.43
CA LEU D 81 22.40 -7.86 7.29
C LEU D 81 21.63 -7.51 8.55
N GLN D 82 22.22 -6.69 9.42
CA GLN D 82 21.52 -6.15 10.57
C GLN D 82 20.73 -4.95 10.11
N MET D 83 19.49 -4.82 10.63
CA MET D 83 18.59 -3.77 10.24
C MET D 83 17.96 -3.17 11.50
N ASN D 84 18.09 -1.85 11.67
CA ASN D 84 17.37 -1.16 12.73
C ASN D 84 16.60 0.03 12.15
N SER D 85 15.75 0.63 12.99
CA SER D 85 15.04 1.84 12.63
C SER D 85 14.23 1.61 11.36
N LEU D 86 13.55 0.46 11.28
CA LEU D 86 12.91 0.06 10.04
C LEU D 86 11.72 0.97 9.72
N LYS D 87 11.47 1.12 8.42
CA LYS D 87 10.47 2.02 7.90
C LYS D 87 9.53 1.23 7.00
N PRO D 88 8.27 1.64 6.82
CA PRO D 88 7.39 0.95 5.88
C PRO D 88 8.03 0.70 4.51
N GLU D 89 8.79 1.67 4.02
CA GLU D 89 9.39 1.60 2.70
C GLU D 89 10.57 0.63 2.64
N ASP D 90 10.98 0.02 3.76
CA ASP D 90 11.97 -1.05 3.75
C ASP D 90 11.32 -2.41 3.43
N THR D 91 9.99 -2.44 3.36
CA THR D 91 9.25 -3.64 3.02
C THR D 91 9.70 -4.10 1.63
N ALA D 92 10.16 -5.36 1.56
CA ALA D 92 10.76 -5.89 0.35
C ALA D 92 11.17 -7.34 0.59
N VAL D 93 11.46 -8.04 -0.52
CA VAL D 93 12.20 -9.28 -0.48
C VAL D 93 13.70 -8.97 -0.49
N TYR D 94 14.42 -9.47 0.52
CA TYR D 94 15.85 -9.24 0.68
C TYR D 94 16.58 -10.49 0.24
N TYR D 95 17.61 -10.30 -0.58
CA TYR D 95 18.37 -11.45 -0.99
C TYR D 95 19.84 -11.14 -1.18
N CYS D 96 20.61 -12.21 -1.04
CA CYS D 96 22.05 -12.08 -1.18
CA CYS D 96 22.05 -12.11 -1.15
C CYS D 96 22.49 -12.56 -2.55
N ALA D 97 23.66 -12.07 -2.95
CA ALA D 97 24.15 -12.28 -4.31
C ALA D 97 25.67 -12.34 -4.35
N ARG D 98 26.13 -13.14 -5.30
CA ARG D 98 27.51 -13.19 -5.74
C ARG D 98 27.51 -12.84 -7.22
N ARG D 99 28.38 -11.92 -7.67
CA ARG D 99 28.37 -11.49 -9.06
C ARG D 99 29.77 -11.57 -9.64
N ASP D 100 30.02 -12.56 -10.51
CA ASP D 100 31.35 -12.78 -11.04
C ASP D 100 31.57 -11.92 -12.28
N ARG D 101 32.69 -11.18 -12.30
CA ARG D 101 33.04 -10.35 -13.43
C ARG D 101 33.10 -11.23 -14.68
N GLY D 102 32.31 -10.87 -15.69
CA GLY D 102 32.25 -11.61 -16.94
C GLY D 102 31.78 -13.05 -16.80
N GLY D 103 31.32 -13.43 -15.60
CA GLY D 103 30.92 -14.80 -15.31
C GLY D 103 29.45 -14.83 -14.86
N MET D 104 29.09 -15.79 -14.01
CA MET D 104 27.71 -15.93 -13.63
C MET D 104 27.37 -15.01 -12.44
N ASP D 105 26.09 -14.66 -12.37
CA ASP D 105 25.49 -14.14 -11.16
C ASP D 105 24.79 -15.29 -10.44
N TYR D 106 24.84 -15.24 -9.11
CA TYR D 106 24.10 -16.14 -8.26
C TYR D 106 23.27 -15.31 -7.28
N TRP D 107 21.97 -15.60 -7.25
CA TRP D 107 20.98 -14.87 -6.47
C TRP D 107 20.26 -15.85 -5.55
N GLY D 108 20.12 -15.54 -4.25
CA GLY D 108 19.25 -16.34 -3.42
C GLY D 108 17.78 -16.09 -3.75
N LYS D 109 16.91 -16.95 -3.22
CA LYS D 109 15.48 -16.82 -3.41
C LYS D 109 14.93 -15.66 -2.58
N GLY D 110 15.59 -15.34 -1.47
CA GLY D 110 15.19 -14.21 -0.68
C GLY D 110 14.37 -14.55 0.56
N THR D 111 14.23 -13.53 1.41
CA THR D 111 13.42 -13.60 2.61
C THR D 111 12.61 -12.31 2.68
N GLN D 112 11.31 -12.45 2.97
CA GLN D 112 10.40 -11.33 2.98
C GLN D 112 10.55 -10.55 4.29
N VAL D 113 10.67 -9.23 4.15
CA VAL D 113 10.62 -8.34 5.29
C VAL D 113 9.42 -7.40 5.12
N THR D 114 8.54 -7.38 6.12
CA THR D 114 7.34 -6.59 6.06
C THR D 114 7.34 -5.66 7.28
N VAL D 115 7.41 -4.36 7.02
CA VAL D 115 7.41 -3.38 8.09
C VAL D 115 6.01 -2.76 8.13
N SER D 116 5.28 -3.10 9.19
CA SER D 116 3.84 -2.86 9.27
C SER D 116 3.43 -2.50 10.68
N SER D 117 2.55 -1.50 10.81
CA SER D 117 2.03 -1.10 12.12
C SER D 117 1.08 -2.18 12.67
N ALA D 118 0.74 -3.20 11.87
CA ALA D 118 -0.01 -4.32 12.40
C ALA D 118 0.88 -5.50 12.80
N ALA D 119 2.22 -5.36 12.75
CA ALA D 119 3.12 -6.45 13.11
C ALA D 119 3.13 -6.69 14.64
N GLY D 120 3.45 -7.91 15.06
CA GLY D 120 3.71 -8.18 16.47
C GLY D 120 4.80 -7.28 17.06
N HIS D 121 4.72 -7.04 18.37
CA HIS D 121 5.70 -6.22 19.05
C HIS D 121 6.87 -7.09 19.52
#